data_5JNU
#
_entry.id   5JNU
#
_cell.length_a   37.384
_cell.length_b   77.152
_cell.length_c   92.367
_cell.angle_alpha   90.000
_cell.angle_beta   90.000
_cell.angle_gamma   90.000
#
_symmetry.space_group_name_H-M   'P 21 21 21'
#
loop_
_entity.id
_entity.type
_entity.pdbx_description
1 polymer 'Low molecular weight phosphotyrosine protein phosphatase'
2 non-polymer 'PHOSPHATE ION'
3 water water
#
_entity_poly.entity_id   1
_entity_poly.type   'polypeptide(L)'
_entity_poly.pdbx_seq_one_letter_code
;GSMAEVGSKSVLFVCLGNICRSPIAEAVFRKLVTDEKVSDNWRIDSAATSTYEVGNPPDYRGQNCMRKHGIHMQHIARQI
TKEDFATFDYILCMDESNLRDLNRKSNQVKNCKAKIELLGSYDPQKQLIIEDPYYGNDSDFEVVYQQCLRCCKAFLEKTY
;
_entity_poly.pdbx_strand_id   A,B
#
loop_
_chem_comp.id
_chem_comp.type
_chem_comp.name
_chem_comp.formula
PO4 non-polymer 'PHOSPHATE ION' 'O4 P -3'
#
# COMPACT_ATOMS: atom_id res chain seq x y z
N GLY A 7 -11.67 -11.20 -19.71
CA GLY A 7 -11.17 -12.12 -18.70
C GLY A 7 -10.99 -11.45 -17.36
N SER A 8 -9.76 -11.03 -17.07
CA SER A 8 -9.44 -10.43 -15.78
C SER A 8 -9.77 -8.95 -15.78
N LYS A 9 -10.36 -8.49 -14.69
CA LYS A 9 -10.79 -7.11 -14.52
C LYS A 9 -10.00 -6.47 -13.39
N SER A 10 -10.12 -5.15 -13.25
CA SER A 10 -9.34 -4.45 -12.23
C SER A 10 -9.97 -3.10 -11.93
N VAL A 11 -9.80 -2.65 -10.69
CA VAL A 11 -10.37 -1.38 -10.24
C VAL A 11 -9.43 -0.77 -9.21
N LEU A 12 -9.34 0.57 -9.23
CA LEU A 12 -8.55 1.33 -8.28
C LEU A 12 -9.48 2.31 -7.56
N PHE A 13 -9.46 2.27 -6.23
CA PHE A 13 -10.26 3.18 -5.42
C PHE A 13 -9.38 4.34 -4.98
N VAL A 14 -9.82 5.56 -5.26
CA VAL A 14 -9.01 6.75 -5.08
C VAL A 14 -9.73 7.74 -4.19
N CYS A 15 -9.00 8.32 -3.24
CA CYS A 15 -9.48 9.47 -2.49
C CYS A 15 -8.29 10.43 -2.33
N LEU A 16 -8.40 11.35 -1.39
CA LEU A 16 -7.37 12.39 -1.24
C LEU A 16 -6.07 11.79 -0.71
N GLY A 17 -6.14 11.05 0.39
CA GLY A 17 -4.95 10.64 1.11
C GLY A 17 -4.73 9.13 1.17
N ASN A 18 -5.77 8.37 0.87
CA ASN A 18 -5.69 6.91 0.89
C ASN A 18 -5.49 6.37 2.31
N ILE A 19 -6.22 6.92 3.28
CA ILE A 19 -6.17 6.41 4.64
C ILE A 19 -7.58 6.23 5.18
N CYS A 20 -8.56 6.82 4.51
CA CYS A 20 -9.94 6.77 5.01
C CYS A 20 -10.86 6.02 4.05
N ARG A 21 -11.43 6.72 3.07
CA ARG A 21 -12.49 6.12 2.26
C ARG A 21 -11.96 5.03 1.35
N SER A 22 -10.92 5.31 0.58
CA SER A 22 -10.48 4.37 -0.45
C SER A 22 -10.00 3.03 0.11
N PRO A 23 -9.23 2.98 1.21
CA PRO A 23 -8.88 1.65 1.74
C PRO A 23 -10.10 0.85 2.15
N ILE A 24 -11.10 1.50 2.73
CA ILE A 24 -12.36 0.83 3.07
C ILE A 24 -13.00 0.27 1.81
N ALA A 25 -13.27 1.13 0.84
CA ALA A 25 -13.80 0.68 -0.45
C ALA A 25 -12.98 -0.48 -1.00
N GLU A 26 -11.65 -0.37 -0.92
CA GLU A 26 -10.80 -1.44 -1.43
C GLU A 26 -11.10 -2.76 -0.75
N ALA A 27 -11.10 -2.77 0.59
CA ALA A 27 -11.28 -4.02 1.32
C ALA A 27 -12.73 -4.50 1.24
N VAL A 28 -13.70 -3.58 1.24
CA VAL A 28 -15.09 -3.98 1.07
C VAL A 28 -15.26 -4.73 -0.25
N PHE A 29 -14.77 -4.13 -1.35
CA PHE A 29 -14.89 -4.78 -2.64
C PHE A 29 -14.15 -6.11 -2.66
N ARG A 30 -12.93 -6.14 -2.11
CA ARG A 30 -12.18 -7.39 -2.10
C ARG A 30 -12.94 -8.49 -1.39
N LYS A 31 -13.66 -8.15 -0.31
CA LYS A 31 -14.46 -9.16 0.38
C LYS A 31 -15.55 -9.71 -0.52
N LEU A 32 -16.36 -8.83 -1.12
CA LEU A 32 -17.56 -9.28 -1.79
C LEU A 32 -17.28 -9.82 -3.19
N VAL A 33 -16.04 -9.73 -3.68
CA VAL A 33 -15.66 -10.55 -4.82
C VAL A 33 -15.22 -11.94 -4.35
N THR A 34 -14.58 -12.01 -3.19
CA THR A 34 -14.27 -13.31 -2.60
C THR A 34 -15.54 -14.07 -2.25
N ASP A 35 -16.55 -13.36 -1.72
CA ASP A 35 -17.83 -14.00 -1.44
C ASP A 35 -18.48 -14.52 -2.72
N GLU A 36 -18.30 -13.79 -3.82
CA GLU A 36 -18.85 -14.19 -5.12
C GLU A 36 -17.95 -15.17 -5.86
N LYS A 37 -16.79 -15.50 -5.30
CA LYS A 37 -15.87 -16.48 -5.89
C LYS A 37 -15.35 -16.01 -7.26
N VAL A 38 -15.22 -14.70 -7.44
CA VAL A 38 -14.67 -14.13 -8.67
C VAL A 38 -13.39 -13.33 -8.39
N SER A 39 -12.77 -13.56 -7.23
CA SER A 39 -11.64 -12.72 -6.85
C SER A 39 -10.37 -13.04 -7.62
N ASP A 40 -10.27 -14.23 -8.22
CA ASP A 40 -9.13 -14.52 -9.09
C ASP A 40 -9.11 -13.60 -10.31
N ASN A 41 -10.27 -13.15 -10.74
CA ASN A 41 -10.40 -12.35 -11.96
C ASN A 41 -10.38 -10.84 -11.69
N TRP A 42 -9.95 -10.41 -10.50
CA TRP A 42 -9.93 -9.00 -10.16
C TRP A 42 -8.56 -8.60 -9.61
N ARG A 43 -8.03 -7.49 -10.11
CA ARG A 43 -6.91 -6.80 -9.47
C ARG A 43 -7.46 -5.56 -8.77
N ILE A 44 -7.26 -5.48 -7.47
CA ILE A 44 -7.91 -4.48 -6.63
C ILE A 44 -6.84 -3.74 -5.85
N ASP A 45 -7.05 -2.44 -5.68
CA ASP A 45 -6.07 -1.60 -5.00
C ASP A 45 -6.74 -0.28 -4.65
N SER A 46 -5.98 0.61 -4.02
CA SER A 46 -6.43 1.96 -3.75
C SER A 46 -5.21 2.87 -3.78
N ALA A 47 -5.46 4.17 -3.96
CA ALA A 47 -4.36 5.13 -4.00
C ALA A 47 -4.89 6.52 -3.67
N ALA A 48 -3.96 7.44 -3.49
CA ALA A 48 -4.25 8.82 -3.13
C ALA A 48 -4.00 9.75 -4.29
N THR A 49 -4.78 10.83 -4.36
CA THR A 49 -4.46 11.91 -5.30
C THR A 49 -3.28 12.72 -4.79
N SER A 50 -3.20 12.94 -3.48
CA SER A 50 -2.14 13.75 -2.89
C SER A 50 -1.02 12.86 -2.36
N THR A 51 -0.03 13.51 -1.75
CA THR A 51 1.14 12.83 -1.21
C THR A 51 1.27 12.99 0.30
N TYR A 52 0.37 13.72 0.94
N TYR A 52 0.35 13.68 0.96
CA TYR A 52 0.54 14.05 2.35
CA TYR A 52 0.58 14.05 2.35
C TYR A 52 0.64 12.79 3.21
C TYR A 52 0.61 12.81 3.25
N GLU A 53 -0.34 11.90 3.07
CA GLU A 53 -0.45 10.73 3.94
C GLU A 53 0.37 9.54 3.45
N VAL A 54 1.19 9.70 2.41
CA VAL A 54 1.88 8.53 1.86
C VAL A 54 2.81 7.96 2.91
N GLY A 55 2.86 6.63 2.97
CA GLY A 55 3.62 5.94 3.99
C GLY A 55 2.90 5.74 5.30
N ASN A 56 1.60 6.06 5.37
CA ASN A 56 0.82 5.85 6.57
C ASN A 56 -0.10 4.64 6.41
N PRO A 57 -0.41 3.94 7.49
CA PRO A 57 -1.50 2.96 7.46
C PRO A 57 -2.84 3.68 7.55
N PRO A 58 -3.95 2.99 7.31
CA PRO A 58 -5.26 3.66 7.31
C PRO A 58 -5.58 4.21 8.70
N ASP A 59 -6.43 5.24 8.69
CA ASP A 59 -6.91 5.82 9.94
C ASP A 59 -7.41 4.72 10.86
N TYR A 60 -6.95 4.75 12.11
CA TYR A 60 -7.29 3.67 13.03
C TYR A 60 -8.79 3.59 13.28
N ARG A 61 -9.51 4.70 13.14
CA ARG A 61 -10.97 4.65 13.19
C ARG A 61 -11.51 3.72 12.10
N GLY A 62 -11.12 3.98 10.85
CA GLY A 62 -11.51 3.09 9.77
C GLY A 62 -11.02 1.68 10.00
N GLN A 63 -9.78 1.55 10.49
CA GLN A 63 -9.26 0.24 10.85
C GLN A 63 -10.14 -0.44 11.87
N ASN A 64 -10.79 0.34 12.75
CA ASN A 64 -11.75 -0.24 13.69
C ASN A 64 -13.07 -0.55 12.99
N CYS A 65 -13.55 0.35 12.12
CA CYS A 65 -14.78 0.10 11.39
C CYS A 65 -14.67 -1.22 10.61
N MET A 66 -13.57 -1.40 9.88
CA MET A 66 -13.39 -2.64 9.14
C MET A 66 -13.33 -3.83 10.08
N ARG A 67 -12.64 -3.68 11.21
CA ARG A 67 -12.54 -4.76 12.18
C ARG A 67 -13.92 -5.19 12.68
N LYS A 68 -14.85 -4.24 12.81
CA LYS A 68 -16.16 -4.56 13.35
C LYS A 68 -17.05 -5.28 12.33
N HIS A 69 -16.75 -5.17 11.04
CA HIS A 69 -17.47 -5.91 10.00
C HIS A 69 -16.66 -7.07 9.46
N GLY A 70 -15.69 -7.57 10.23
CA GLY A 70 -14.92 -8.74 9.82
C GLY A 70 -14.11 -8.52 8.56
N ILE A 71 -13.72 -7.29 8.28
CA ILE A 71 -12.99 -6.95 7.06
C ILE A 71 -11.50 -6.94 7.37
N HIS A 72 -10.71 -7.58 6.50
CA HIS A 72 -9.26 -7.62 6.63
C HIS A 72 -8.68 -6.50 5.76
N MET A 73 -8.46 -5.34 6.37
CA MET A 73 -7.85 -4.22 5.67
C MET A 73 -6.33 -4.32 5.81
N GLN A 74 -5.64 -4.27 4.66
CA GLN A 74 -4.19 -4.46 4.63
C GLN A 74 -3.61 -3.43 3.66
N HIS A 75 -3.22 -2.27 4.17
CA HIS A 75 -2.84 -1.17 3.29
C HIS A 75 -1.82 -0.25 3.93
N ILE A 76 -0.93 0.27 3.08
CA ILE A 76 -0.18 1.49 3.33
C ILE A 76 -0.54 2.48 2.22
N ALA A 77 -0.62 3.75 2.56
CA ALA A 77 -1.02 4.76 1.57
C ALA A 77 0.04 4.90 0.49
N ARG A 78 -0.41 5.02 -0.76
CA ARG A 78 0.46 5.32 -1.88
C ARG A 78 -0.24 6.32 -2.78
N GLN A 79 0.55 7.03 -3.59
CA GLN A 79 -0.01 7.97 -4.55
C GLN A 79 -0.28 7.25 -5.87
N ILE A 80 -1.40 7.62 -6.50
CA ILE A 80 -1.73 7.17 -7.84
C ILE A 80 -0.56 7.51 -8.76
N THR A 81 -0.35 6.72 -9.80
CA THR A 81 0.77 6.92 -10.70
C THR A 81 0.29 7.07 -12.13
N LYS A 82 1.20 7.55 -12.99
CA LYS A 82 0.99 7.51 -14.43
C LYS A 82 0.43 6.17 -14.86
N GLU A 83 1.07 5.09 -14.41
CA GLU A 83 0.78 3.75 -14.90
C GLU A 83 -0.52 3.19 -14.35
N ASP A 84 -1.00 3.71 -13.22
CA ASP A 84 -2.31 3.31 -12.73
C ASP A 84 -3.39 3.62 -13.77
N PHE A 85 -3.32 4.81 -14.37
CA PHE A 85 -4.28 5.18 -15.41
C PHE A 85 -4.19 4.22 -16.60
N ALA A 86 -3.03 3.63 -16.83
CA ALA A 86 -2.82 2.77 -18.00
C ALA A 86 -3.18 1.32 -17.73
N THR A 87 -3.09 0.86 -16.49
CA THR A 87 -3.28 -0.54 -16.16
C THR A 87 -4.65 -0.87 -15.60
N PHE A 88 -5.31 0.07 -14.92
CA PHE A 88 -6.55 -0.22 -14.23
C PHE A 88 -7.74 0.03 -15.16
N ASP A 89 -8.68 -0.92 -15.15
CA ASP A 89 -9.88 -0.77 -15.96
C ASP A 89 -10.81 0.28 -15.39
N TYR A 90 -10.80 0.45 -14.06
CA TYR A 90 -11.70 1.39 -13.39
C TYR A 90 -10.92 2.17 -12.33
N ILE A 91 -11.22 3.46 -12.24
CA ILE A 91 -10.80 4.29 -11.12
C ILE A 91 -12.07 4.89 -10.52
N LEU A 92 -12.49 4.35 -9.38
CA LEU A 92 -13.67 4.83 -8.69
C LEU A 92 -13.24 5.71 -7.52
N CYS A 93 -13.62 6.97 -7.56
CA CYS A 93 -13.22 7.95 -6.55
C CYS A 93 -14.42 8.32 -5.69
N MET A 94 -14.20 9.26 -4.77
CA MET A 94 -15.15 9.53 -3.69
C MET A 94 -15.91 10.84 -3.87
N ASP A 95 -15.21 11.94 -4.19
CA ASP A 95 -15.84 13.25 -4.22
C ASP A 95 -15.43 13.98 -5.49
N GLU A 96 -16.10 15.10 -5.75
CA GLU A 96 -15.87 15.84 -6.98
C GLU A 96 -14.42 16.31 -7.09
N SER A 97 -13.77 16.56 -5.96
CA SER A 97 -12.35 16.95 -6.01
C SER A 97 -11.51 15.83 -6.59
N ASN A 98 -11.64 14.62 -6.04
CA ASN A 98 -10.96 13.46 -6.63
C ASN A 98 -11.27 13.39 -8.12
N LEU A 99 -12.56 13.33 -8.45
CA LEU A 99 -12.98 13.21 -9.84
C LEU A 99 -12.34 14.30 -10.70
N ARG A 100 -12.43 15.56 -10.24
CA ARG A 100 -11.81 16.66 -10.97
C ARG A 100 -10.32 16.41 -11.19
N ASP A 101 -9.60 16.05 -10.13
CA ASP A 101 -8.17 15.86 -10.24
C ASP A 101 -7.82 14.65 -11.09
N LEU A 102 -8.65 13.61 -11.05
CA LEU A 102 -8.38 12.40 -11.81
C LEU A 102 -8.67 12.60 -13.29
N ASN A 103 -9.75 13.31 -13.61
CA ASN A 103 -10.04 13.62 -15.01
C ASN A 103 -8.89 14.41 -15.64
N ARG A 104 -8.34 15.38 -14.90
CA ARG A 104 -7.24 16.18 -15.44
C ARG A 104 -6.01 15.32 -15.67
N LYS A 105 -5.57 14.56 -14.66
CA LYS A 105 -4.42 13.69 -14.84
C LYS A 105 -4.66 12.68 -15.96
N SER A 106 -5.90 12.23 -16.14
CA SER A 106 -6.18 11.25 -17.18
C SER A 106 -5.92 11.82 -18.56
N ASN A 107 -6.18 13.10 -18.75
CA ASN A 107 -5.90 13.78 -20.02
C ASN A 107 -4.45 14.20 -20.14
N GLN A 108 -3.59 13.84 -19.18
CA GLN A 108 -2.21 14.27 -19.17
C GLN A 108 -1.24 13.09 -19.19
N VAL A 109 -1.74 11.90 -19.54
CA VAL A 109 -0.92 10.71 -19.69
C VAL A 109 -1.07 10.22 -21.12
N LYS A 110 -0.05 9.54 -21.64
CA LYS A 110 -0.08 9.14 -23.04
C LYS A 110 -1.11 8.03 -23.27
N ASN A 111 -1.32 7.16 -22.27
CA ASN A 111 -2.19 6.00 -22.43
C ASN A 111 -3.06 5.87 -21.19
N CYS A 112 -4.37 6.07 -21.35
CA CYS A 112 -5.33 5.98 -20.26
C CYS A 112 -6.34 4.89 -20.59
N LYS A 113 -6.21 3.74 -19.92
CA LYS A 113 -7.22 2.70 -20.04
C LYS A 113 -8.42 2.97 -19.13
N ALA A 114 -8.18 3.65 -18.01
CA ALA A 114 -9.10 3.63 -16.89
C ALA A 114 -10.37 4.44 -17.18
N LYS A 115 -11.50 3.89 -16.74
CA LYS A 115 -12.76 4.62 -16.69
C LYS A 115 -12.89 5.26 -15.32
N ILE A 116 -12.96 6.59 -15.29
CA ILE A 116 -12.98 7.35 -14.05
C ILE A 116 -14.41 7.72 -13.72
N GLU A 117 -14.92 7.19 -12.62
CA GLU A 117 -16.27 7.50 -12.14
C GLU A 117 -16.22 7.73 -10.64
N LEU A 118 -17.31 8.28 -10.12
CA LEU A 118 -17.53 8.34 -8.68
C LEU A 118 -18.09 7.01 -8.20
N LEU A 119 -17.47 6.44 -7.17
CA LEU A 119 -18.05 5.25 -6.54
C LEU A 119 -19.52 5.46 -6.21
N GLY A 120 -19.85 6.65 -5.70
CA GLY A 120 -21.21 6.94 -5.28
C GLY A 120 -22.21 6.99 -6.41
N SER A 121 -21.75 7.13 -7.66
CA SER A 121 -22.66 7.09 -8.80
C SER A 121 -23.36 5.75 -8.92
N TYR A 122 -22.81 4.71 -8.28
CA TYR A 122 -23.43 3.39 -8.27
C TYR A 122 -24.39 3.19 -7.11
N ASP A 123 -24.63 4.23 -6.31
CA ASP A 123 -25.42 4.07 -5.09
C ASP A 123 -26.90 3.95 -5.44
N PRO A 124 -27.56 2.83 -5.11
CA PRO A 124 -29.02 2.78 -5.28
C PRO A 124 -29.75 3.85 -4.47
N GLN A 125 -29.16 4.35 -3.40
CA GLN A 125 -29.75 5.44 -2.62
C GLN A 125 -29.40 6.82 -3.18
N LYS A 126 -28.52 6.89 -4.17
CA LYS A 126 -28.18 8.14 -4.85
C LYS A 126 -27.45 9.12 -3.94
N GLN A 127 -26.69 8.61 -2.96
CA GLN A 127 -25.79 9.46 -2.19
C GLN A 127 -24.49 9.54 -3.00
N LEU A 128 -24.43 10.53 -3.89
CA LEU A 128 -23.42 10.53 -4.94
C LEU A 128 -22.02 10.79 -4.41
N ILE A 129 -21.89 11.57 -3.34
CA ILE A 129 -20.60 11.92 -2.78
C ILE A 129 -20.37 11.10 -1.52
N ILE A 130 -19.19 10.51 -1.41
CA ILE A 130 -18.74 9.85 -0.18
C ILE A 130 -17.87 10.88 0.54
N GLU A 131 -18.48 11.61 1.48
N GLU A 131 -18.49 11.63 1.45
CA GLU A 131 -17.80 12.71 2.14
CA GLU A 131 -17.78 12.71 2.13
C GLU A 131 -16.58 12.18 2.91
C GLU A 131 -16.58 12.18 2.89
N ASP A 132 -15.57 13.02 3.02
CA ASP A 132 -14.38 12.65 3.76
C ASP A 132 -14.71 12.52 5.24
N PRO A 133 -14.56 11.36 5.86
CA PRO A 133 -14.87 11.21 7.29
C PRO A 133 -13.73 11.62 8.22
N TYR A 134 -12.65 12.19 7.67
CA TYR A 134 -11.45 12.45 8.44
C TYR A 134 -11.71 13.41 9.59
N TYR A 135 -12.54 14.42 9.35
CA TYR A 135 -12.78 15.47 10.33
C TYR A 135 -13.95 15.14 11.26
N GLY A 136 -14.35 13.86 11.34
CA GLY A 136 -15.46 13.43 12.15
C GLY A 136 -15.07 12.29 13.08
N ASN A 137 -16.07 11.50 13.44
CA ASN A 137 -15.93 10.47 14.46
C ASN A 137 -16.15 9.09 13.83
N ASP A 138 -16.24 8.07 14.70
CA ASP A 138 -16.33 6.70 14.24
C ASP A 138 -17.61 6.46 13.42
N SER A 139 -18.66 7.24 13.68
CA SER A 139 -19.89 7.06 12.92
C SER A 139 -19.73 7.55 11.48
N ASP A 140 -18.85 8.52 11.25
CA ASP A 140 -18.60 8.99 9.89
C ASP A 140 -17.93 7.91 9.05
N PHE A 141 -17.15 7.03 9.67
CA PHE A 141 -16.56 5.91 8.95
C PHE A 141 -17.58 4.81 8.69
N GLU A 142 -18.53 4.61 9.62
CA GLU A 142 -19.59 3.65 9.37
C GLU A 142 -20.44 4.06 8.17
N VAL A 143 -20.69 5.37 8.02
CA VAL A 143 -21.48 5.84 6.88
C VAL A 143 -20.74 5.58 5.58
N VAL A 144 -19.44 5.86 5.55
CA VAL A 144 -18.64 5.59 4.36
C VAL A 144 -18.67 4.09 4.04
N TYR A 145 -18.50 3.26 5.06
CA TYR A 145 -18.58 1.82 4.85
C TYR A 145 -19.89 1.43 4.17
N GLN A 146 -21.01 1.83 4.75
CA GLN A 146 -22.31 1.46 4.20
C GLN A 146 -22.46 1.97 2.77
N GLN A 147 -21.96 3.18 2.49
CA GLN A 147 -21.93 3.67 1.12
C GLN A 147 -21.09 2.75 0.23
N CYS A 148 -19.87 2.45 0.67
CA CYS A 148 -19.02 1.55 -0.10
C CYS A 148 -19.66 0.19 -0.29
N LEU A 149 -20.42 -0.28 0.70
CA LEU A 149 -21.09 -1.56 0.60
C LEU A 149 -22.16 -1.53 -0.50
N ARG A 150 -23.08 -0.57 -0.41
CA ARG A 150 -24.06 -0.36 -1.47
C ARG A 150 -23.38 -0.23 -2.83
N CYS A 151 -22.45 0.71 -2.94
CA CYS A 151 -21.89 1.06 -4.25
C CYS A 151 -21.10 -0.11 -4.84
N CYS A 152 -20.29 -0.77 -4.03
CA CYS A 152 -19.47 -1.87 -4.55
C CYS A 152 -20.33 -3.01 -5.07
N LYS A 153 -21.35 -3.41 -4.30
CA LYS A 153 -22.29 -4.41 -4.78
C LYS A 153 -22.84 -4.02 -6.15
N ALA A 154 -23.46 -2.83 -6.23
CA ALA A 154 -24.04 -2.38 -7.49
C ALA A 154 -23.00 -2.31 -8.59
N PHE A 155 -21.75 -1.98 -8.25
CA PHE A 155 -20.69 -1.90 -9.26
C PHE A 155 -20.33 -3.29 -9.76
N LEU A 156 -20.10 -4.24 -8.84
CA LEU A 156 -19.82 -5.60 -9.25
C LEU A 156 -20.95 -6.15 -10.11
N GLU A 157 -22.20 -5.83 -9.74
CA GLU A 157 -23.35 -6.31 -10.50
C GLU A 157 -23.38 -5.72 -11.90
N LYS A 158 -22.87 -4.49 -12.07
CA LYS A 158 -22.67 -3.97 -13.42
C LYS A 158 -21.67 -4.82 -14.18
N THR A 159 -20.48 -5.01 -13.61
CA THR A 159 -19.45 -5.89 -14.17
C THR A 159 -18.11 -5.56 -13.50
N GLY B 7 8.63 16.91 12.58
CA GLY B 7 9.37 16.47 11.41
C GLY B 7 9.08 15.03 11.05
N SER B 8 9.66 14.57 9.94
CA SER B 8 9.41 13.22 9.48
C SER B 8 10.62 12.70 8.71
N LYS B 9 11.03 11.48 9.04
CA LYS B 9 11.98 10.73 8.22
C LYS B 9 11.22 9.64 7.46
N SER B 10 11.81 9.23 6.34
CA SER B 10 11.11 8.39 5.38
C SER B 10 12.00 7.24 4.93
N VAL B 11 11.44 6.02 4.94
CA VAL B 11 12.18 4.82 4.58
C VAL B 11 11.30 3.92 3.73
N LEU B 12 11.83 3.48 2.60
CA LEU B 12 11.14 2.57 1.68
C LEU B 12 11.93 1.27 1.61
N PHE B 13 11.29 0.16 1.97
CA PHE B 13 11.92 -1.15 1.89
C PHE B 13 11.59 -1.80 0.55
N VAL B 14 12.62 -2.20 -0.19
CA VAL B 14 12.46 -2.71 -1.54
C VAL B 14 13.01 -4.12 -1.63
N CYS B 15 12.26 -4.99 -2.31
CA CYS B 15 12.71 -6.32 -2.67
C CYS B 15 12.29 -6.55 -4.12
N LEU B 16 12.36 -7.79 -4.58
CA LEU B 16 11.95 -8.11 -5.94
C LEU B 16 10.43 -7.99 -6.08
N GLY B 17 9.67 -8.64 -5.20
CA GLY B 17 8.25 -8.81 -5.41
C GLY B 17 7.36 -7.99 -4.50
N ASN B 18 7.87 -7.63 -3.32
CA ASN B 18 7.11 -6.88 -2.33
C ASN B 18 5.96 -7.73 -1.78
N ILE B 19 6.19 -9.03 -1.64
CA ILE B 19 5.25 -9.92 -0.97
C ILE B 19 5.88 -10.68 0.20
N CYS B 20 7.20 -10.81 0.25
CA CYS B 20 7.83 -11.53 1.35
C CYS B 20 8.72 -10.62 2.19
N ARG B 21 9.92 -10.30 1.69
CA ARG B 21 10.92 -9.62 2.51
C ARG B 21 10.46 -8.23 2.91
N SER B 22 10.19 -7.37 1.92
CA SER B 22 10.00 -5.95 2.23
C SER B 22 8.70 -5.70 2.99
N PRO B 23 7.61 -6.43 2.76
CA PRO B 23 6.46 -6.31 3.67
C PRO B 23 6.83 -6.60 5.11
N ILE B 24 7.72 -7.57 5.33
CA ILE B 24 8.16 -7.89 6.68
C ILE B 24 9.03 -6.78 7.25
N ALA B 25 10.01 -6.33 6.47
CA ALA B 25 10.86 -5.22 6.91
C ALA B 25 10.01 -4.00 7.25
N GLU B 26 9.08 -3.64 6.36
CA GLU B 26 8.15 -2.56 6.63
C GLU B 26 7.43 -2.77 7.96
N ALA B 27 6.82 -3.95 8.12
CA ALA B 27 6.04 -4.22 9.32
C ALA B 27 6.92 -4.23 10.57
N VAL B 28 8.15 -4.73 10.45
CA VAL B 28 9.03 -4.79 11.61
C VAL B 28 9.49 -3.40 12.00
N PHE B 29 9.76 -2.54 11.03
CA PHE B 29 10.20 -1.18 11.34
C PHE B 29 9.06 -0.36 11.94
N ARG B 30 7.84 -0.54 11.42
CA ARG B 30 6.69 0.16 11.98
C ARG B 30 6.44 -0.26 13.42
N LYS B 31 6.47 -1.57 13.69
CA LYS B 31 6.37 -2.05 15.06
C LYS B 31 7.47 -1.47 15.92
N LEU B 32 8.69 -1.39 15.37
CA LEU B 32 9.84 -0.96 16.16
C LEU B 32 9.77 0.52 16.50
N VAL B 33 9.21 1.35 15.61
CA VAL B 33 9.04 2.76 15.94
C VAL B 33 7.79 2.99 16.77
N THR B 34 6.85 2.04 16.78
CA THR B 34 5.73 2.11 17.69
C THR B 34 6.15 1.76 19.12
N ASP B 35 6.96 0.71 19.27
CA ASP B 35 7.44 0.35 20.60
C ASP B 35 8.30 1.45 21.21
N GLU B 36 9.11 2.12 20.38
CA GLU B 36 9.96 3.20 20.84
C GLU B 36 9.22 4.54 20.94
N LYS B 37 7.96 4.59 20.53
CA LYS B 37 7.16 5.82 20.61
C LYS B 37 7.75 6.90 19.71
N VAL B 38 8.07 6.52 18.47
CA VAL B 38 8.67 7.43 17.50
C VAL B 38 7.92 7.34 16.17
N SER B 39 6.81 6.61 16.16
CA SER B 39 6.09 6.38 14.90
C SER B 39 5.51 7.66 14.32
N ASP B 40 5.34 8.70 15.12
CA ASP B 40 4.82 9.96 14.59
C ASP B 40 5.80 10.59 13.60
N ASN B 41 7.09 10.27 13.73
CA ASN B 41 8.13 10.92 12.94
C ASN B 41 8.66 10.03 11.83
N TRP B 42 7.90 9.00 11.42
CA TRP B 42 8.37 8.09 10.39
C TRP B 42 7.24 7.78 9.42
N ARG B 43 7.51 8.00 8.14
CA ARG B 43 6.65 7.53 7.06
C ARG B 43 7.33 6.32 6.43
N ILE B 44 6.64 5.18 6.44
CA ILE B 44 7.23 3.90 6.10
C ILE B 44 6.40 3.24 5.01
N ASP B 45 7.07 2.71 4.00
CA ASP B 45 6.40 1.99 2.92
C ASP B 45 7.33 0.89 2.41
N SER B 46 6.80 0.08 1.50
CA SER B 46 7.59 -0.95 0.83
C SER B 46 7.11 -1.07 -0.61
N ALA B 47 8.01 -1.52 -1.49
CA ALA B 47 7.69 -1.60 -2.91
C ALA B 47 8.56 -2.64 -3.57
N ALA B 48 8.23 -2.95 -4.83
CA ALA B 48 8.90 -3.97 -5.61
C ALA B 48 9.69 -3.34 -6.74
N THR B 49 10.78 -4.01 -7.13
CA THR B 49 11.52 -3.60 -8.32
C THR B 49 10.83 -4.10 -9.59
N SER B 50 10.06 -5.18 -9.50
CA SER B 50 9.44 -5.80 -10.65
C SER B 50 7.92 -5.76 -10.53
N THR B 51 7.26 -6.18 -11.61
CA THR B 51 5.81 -6.18 -11.70
C THR B 51 5.19 -7.54 -11.41
N TYR B 52 6.00 -8.55 -11.09
CA TYR B 52 5.49 -9.91 -10.92
C TYR B 52 4.25 -9.94 -10.02
N GLU B 53 4.40 -9.51 -8.77
CA GLU B 53 3.41 -9.77 -7.74
C GLU B 53 2.60 -8.53 -7.36
N VAL B 54 2.65 -7.45 -8.15
CA VAL B 54 1.85 -6.28 -7.83
C VAL B 54 0.37 -6.65 -7.89
N GLY B 55 -0.41 -6.09 -6.97
CA GLY B 55 -1.81 -6.42 -6.84
C GLY B 55 -2.10 -7.51 -5.83
N ASN B 56 -1.08 -8.16 -5.26
CA ASN B 56 -1.24 -9.32 -4.39
C ASN B 56 -1.04 -8.93 -2.92
N PRO B 57 -1.62 -9.71 -2.01
CA PRO B 57 -1.33 -9.51 -0.59
C PRO B 57 0.01 -10.12 -0.22
N PRO B 58 0.51 -9.87 0.98
CA PRO B 58 1.74 -10.53 1.43
C PRO B 58 1.63 -12.04 1.36
N ASP B 59 2.79 -12.70 1.26
CA ASP B 59 2.83 -14.14 1.34
C ASP B 59 2.31 -14.60 2.69
N TYR B 60 1.47 -15.64 2.66
CA TYR B 60 0.79 -16.06 3.89
C TYR B 60 1.78 -16.55 4.94
N ARG B 61 2.86 -17.21 4.50
CA ARG B 61 3.93 -17.54 5.43
C ARG B 61 4.47 -16.29 6.12
N GLY B 62 4.51 -15.18 5.39
CA GLY B 62 4.93 -13.93 6.01
C GLY B 62 3.89 -13.38 6.98
N GLN B 63 2.62 -13.40 6.56
CA GLN B 63 1.54 -12.96 7.45
C GLN B 63 1.54 -13.77 8.74
N ASN B 64 1.62 -15.09 8.61
CA ASN B 64 1.62 -15.94 9.80
C ASN B 64 2.88 -15.73 10.64
N CYS B 65 4.01 -15.47 10.00
CA CYS B 65 5.21 -15.10 10.74
C CYS B 65 5.01 -13.80 11.49
N MET B 66 4.31 -12.84 10.87
CA MET B 66 4.06 -11.56 11.53
C MET B 66 3.04 -11.72 12.65
N ARG B 67 2.01 -12.54 12.43
CA ARG B 67 1.09 -12.87 13.51
C ARG B 67 1.84 -13.45 14.70
N LYS B 68 2.90 -14.22 14.42
CA LYS B 68 3.68 -14.85 15.48
C LYS B 68 4.30 -13.83 16.42
N HIS B 69 4.65 -12.64 15.91
CA HIS B 69 5.27 -11.59 16.70
C HIS B 69 4.33 -10.41 16.94
N GLY B 70 3.04 -10.62 16.73
CA GLY B 70 2.07 -9.57 17.01
C GLY B 70 2.23 -8.34 16.14
N ILE B 71 2.56 -8.53 14.87
CA ILE B 71 2.65 -7.43 13.92
C ILE B 71 1.38 -7.43 13.07
N HIS B 72 0.75 -6.28 12.95
CA HIS B 72 -0.47 -6.14 12.14
C HIS B 72 -0.09 -5.74 10.71
N MET B 73 0.61 -6.67 10.05
CA MET B 73 1.02 -6.43 8.67
C MET B 73 -0.20 -6.10 7.81
N GLN B 74 0.00 -5.20 6.84
CA GLN B 74 -1.13 -4.61 6.13
C GLN B 74 -0.59 -4.01 4.81
N HIS B 75 -0.64 -4.81 3.74
CA HIS B 75 0.01 -4.41 2.50
C HIS B 75 -0.73 -4.95 1.27
N ILE B 76 -0.59 -4.21 0.17
CA ILE B 76 -0.84 -4.71 -1.18
C ILE B 76 0.41 -4.38 -2.00
N ALA B 77 0.95 -5.38 -2.69
CA ALA B 77 2.23 -5.21 -3.37
C ALA B 77 2.12 -4.16 -4.48
N ARG B 78 3.14 -3.29 -4.55
CA ARG B 78 3.21 -2.26 -5.58
C ARG B 78 4.63 -2.20 -6.11
N GLN B 79 4.78 -1.65 -7.32
CA GLN B 79 6.10 -1.43 -7.89
C GLN B 79 6.63 -0.06 -7.50
N ILE B 80 7.93 0.01 -7.24
CA ILE B 80 8.59 1.28 -7.00
C ILE B 80 8.38 2.20 -8.20
N THR B 81 8.41 3.51 -7.94
CA THR B 81 8.09 4.51 -8.96
C THR B 81 9.26 5.48 -9.11
N LYS B 82 9.07 6.47 -9.98
CA LYS B 82 10.03 7.56 -10.10
C LYS B 82 9.95 8.49 -8.88
N GLU B 83 8.74 8.72 -8.38
CA GLU B 83 8.57 9.70 -7.30
C GLU B 83 9.13 9.17 -5.99
N ASP B 84 9.17 7.84 -5.82
CA ASP B 84 9.71 7.27 -4.59
C ASP B 84 11.16 7.71 -4.36
N PHE B 85 11.93 7.90 -5.43
CA PHE B 85 13.30 8.37 -5.29
C PHE B 85 13.38 9.80 -4.79
N ALA B 86 12.25 10.52 -4.78
CA ALA B 86 12.22 11.90 -4.30
C ALA B 86 11.59 12.05 -2.93
N THR B 87 10.61 11.22 -2.59
CA THR B 87 9.85 11.40 -1.36
C THR B 87 10.36 10.57 -0.19
N PHE B 88 11.36 9.71 -0.40
CA PHE B 88 11.84 8.83 0.65
C PHE B 88 13.32 9.12 0.92
N ASP B 89 13.66 9.31 2.19
CA ASP B 89 15.02 9.65 2.57
C ASP B 89 15.95 8.45 2.47
N TYR B 90 15.45 7.26 2.76
CA TYR B 90 16.23 6.03 2.66
C TYR B 90 15.46 5.00 1.83
N ILE B 91 16.17 4.33 0.93
CA ILE B 91 15.67 3.16 0.22
C ILE B 91 16.55 2.00 0.62
N LEU B 92 15.98 1.06 1.36
CA LEU B 92 16.71 -0.09 1.90
C LEU B 92 16.23 -1.34 1.17
N CYS B 93 17.17 -2.04 0.53
CA CYS B 93 16.86 -3.23 -0.25
C CYS B 93 17.47 -4.46 0.40
N MET B 94 17.22 -5.61 -0.19
CA MET B 94 17.51 -6.89 0.43
C MET B 94 18.78 -7.56 -0.10
N ASP B 95 19.06 -7.45 -1.40
CA ASP B 95 20.17 -8.17 -2.00
C ASP B 95 20.86 -7.29 -3.03
N GLU B 96 22.06 -7.73 -3.44
CA GLU B 96 22.82 -6.98 -4.43
C GLU B 96 22.01 -6.73 -5.70
N SER B 97 21.16 -7.69 -6.08
CA SER B 97 20.37 -7.53 -7.30
C SER B 97 19.44 -6.34 -7.20
N ASN B 98 18.81 -6.14 -6.04
CA ASN B 98 18.00 -4.94 -5.85
C ASN B 98 18.87 -3.70 -5.86
N LEU B 99 20.02 -3.74 -5.18
CA LEU B 99 20.93 -2.61 -5.17
C LEU B 99 21.37 -2.25 -6.58
N ARG B 100 21.60 -3.26 -7.42
CA ARG B 100 22.00 -3.03 -8.80
C ARG B 100 20.90 -2.31 -9.57
N ASP B 101 19.67 -2.82 -9.50
CA ASP B 101 18.56 -2.23 -10.26
C ASP B 101 18.23 -0.82 -9.76
N LEU B 102 18.30 -0.62 -8.45
CA LEU B 102 17.93 0.67 -7.89
C LEU B 102 19.01 1.72 -8.11
N ASN B 103 20.28 1.30 -8.12
CA ASN B 103 21.35 2.22 -8.49
C ASN B 103 21.20 2.67 -9.94
N ARG B 104 20.68 1.80 -10.80
CA ARG B 104 20.45 2.17 -12.19
C ARG B 104 19.36 3.23 -12.30
N LYS B 105 18.19 2.94 -11.74
CA LYS B 105 17.06 3.88 -11.82
C LYS B 105 17.36 5.18 -11.07
N SER B 106 18.20 5.12 -10.04
CA SER B 106 18.57 6.34 -9.34
C SER B 106 19.39 7.27 -10.23
N ASN B 107 20.19 6.70 -11.13
CA ASN B 107 20.95 7.48 -12.10
C ASN B 107 20.15 7.78 -13.34
N GLN B 108 18.82 7.79 -13.24
CA GLN B 108 17.96 8.08 -14.39
C GLN B 108 16.67 8.76 -13.94
N VAL B 109 16.77 9.64 -12.94
CA VAL B 109 15.59 10.24 -12.35
C VAL B 109 15.79 11.74 -12.14
N LYS B 110 14.66 12.46 -12.17
CA LYS B 110 14.65 13.91 -12.12
C LYS B 110 14.98 14.45 -10.73
N ASN B 111 14.57 13.73 -9.68
CA ASN B 111 15.00 14.03 -8.31
C ASN B 111 15.34 12.72 -7.63
N CYS B 112 16.48 12.69 -6.93
CA CYS B 112 16.90 11.50 -6.18
C CYS B 112 17.34 11.95 -4.79
N LYS B 113 16.37 12.09 -3.88
CA LYS B 113 16.68 12.38 -2.49
C LYS B 113 17.23 11.14 -1.79
N ALA B 114 16.74 9.97 -2.15
CA ALA B 114 16.91 8.78 -1.33
C ALA B 114 18.35 8.30 -1.28
N LYS B 115 18.71 7.72 -0.14
CA LYS B 115 19.93 6.91 -0.02
C LYS B 115 19.56 5.46 -0.27
N ILE B 116 20.33 4.81 -1.14
CA ILE B 116 20.02 3.45 -1.60
C ILE B 116 21.07 2.53 -0.99
N GLU B 117 20.64 1.72 -0.02
CA GLU B 117 21.55 0.86 0.73
C GLU B 117 20.92 -0.51 0.91
N LEU B 118 21.78 -1.49 1.16
CA LEU B 118 21.31 -2.80 1.61
C LEU B 118 20.81 -2.70 3.05
N LEU B 119 19.64 -3.28 3.32
CA LEU B 119 19.18 -3.37 4.70
C LEU B 119 20.14 -4.22 5.52
N GLY B 120 20.71 -5.27 4.91
CA GLY B 120 21.67 -6.11 5.60
C GLY B 120 22.97 -5.42 5.94
N SER B 121 23.26 -4.30 5.28
CA SER B 121 24.47 -3.54 5.61
C SER B 121 24.38 -2.91 7.00
N TYR B 122 23.24 -2.99 7.66
CA TYR B 122 23.08 -2.52 9.04
C TYR B 122 23.10 -3.67 10.04
N ASP B 123 23.12 -4.91 9.59
CA ASP B 123 23.06 -6.05 10.50
C ASP B 123 24.29 -6.09 11.39
N PRO B 124 24.16 -5.98 12.71
CA PRO B 124 25.34 -6.19 13.57
C PRO B 124 26.07 -7.48 13.27
N GLN B 125 25.33 -8.56 13.01
CA GLN B 125 25.93 -9.85 12.68
C GLN B 125 26.57 -9.85 11.30
N LYS B 126 26.51 -8.75 10.54
CA LYS B 126 27.20 -8.61 9.27
C LYS B 126 26.68 -9.57 8.20
N GLN B 127 25.49 -10.14 8.39
CA GLN B 127 24.87 -10.97 7.36
C GLN B 127 24.33 -10.02 6.28
N LEU B 128 25.05 -9.93 5.17
CA LEU B 128 24.84 -8.82 4.24
C LEU B 128 23.58 -8.99 3.38
N ILE B 129 23.19 -10.22 3.05
CA ILE B 129 22.09 -10.46 2.13
C ILE B 129 20.89 -10.99 2.90
N ILE B 130 19.74 -10.35 2.71
CA ILE B 130 18.46 -10.90 3.12
C ILE B 130 17.89 -11.62 1.90
N GLU B 131 17.92 -12.96 1.95
CA GLU B 131 17.62 -13.76 0.77
C GLU B 131 16.13 -14.07 0.68
N ASP B 132 15.63 -14.08 -0.56
CA ASP B 132 14.22 -14.29 -0.81
C ASP B 132 13.77 -15.64 -0.25
N PRO B 133 12.85 -15.67 0.70
CA PRO B 133 12.38 -16.95 1.25
C PRO B 133 11.18 -17.57 0.54
N TYR B 134 10.83 -17.10 -0.66
CA TYR B 134 9.60 -17.53 -1.31
C TYR B 134 9.61 -19.03 -1.59
N TYR B 135 10.77 -19.59 -1.91
CA TYR B 135 10.88 -21.02 -2.20
C TYR B 135 11.38 -21.82 -0.99
N GLY B 136 11.24 -21.28 0.21
CA GLY B 136 11.55 -21.98 1.43
C GLY B 136 10.32 -22.32 2.24
N ASN B 137 10.54 -22.70 3.48
CA ASN B 137 9.47 -23.02 4.41
C ASN B 137 9.36 -21.93 5.46
N ASP B 138 8.44 -22.14 6.41
CA ASP B 138 8.13 -21.11 7.39
C ASP B 138 9.37 -20.61 8.12
N SER B 139 10.36 -21.48 8.31
CA SER B 139 11.57 -21.07 9.02
C SER B 139 12.38 -20.08 8.21
N ASP B 140 12.42 -20.25 6.89
CA ASP B 140 13.10 -19.26 6.05
C ASP B 140 12.51 -17.87 6.25
N PHE B 141 11.22 -17.80 6.57
CA PHE B 141 10.59 -16.52 6.83
C PHE B 141 10.97 -15.97 8.20
N GLU B 142 11.03 -16.83 9.22
CA GLU B 142 11.50 -16.38 10.53
C GLU B 142 12.92 -15.86 10.44
N VAL B 143 13.79 -16.55 9.69
CA VAL B 143 15.14 -16.06 9.47
C VAL B 143 15.12 -14.63 8.97
N VAL B 144 14.30 -14.37 7.94
CA VAL B 144 14.22 -13.03 7.36
C VAL B 144 13.72 -12.03 8.40
N TYR B 145 12.75 -12.42 9.21
CA TYR B 145 12.24 -11.52 10.24
C TYR B 145 13.33 -11.16 11.24
N GLN B 146 14.18 -12.13 11.60
CA GLN B 146 15.26 -11.84 12.52
C GLN B 146 16.28 -10.89 11.89
N GLN B 147 16.65 -11.13 10.63
CA GLN B 147 17.50 -10.20 9.91
C GLN B 147 16.89 -8.80 9.92
N CYS B 148 15.64 -8.69 9.50
CA CYS B 148 14.99 -7.38 9.41
C CYS B 148 15.00 -6.68 10.76
N LEU B 149 14.66 -7.41 11.83
CA LEU B 149 14.61 -6.80 13.16
C LEU B 149 15.99 -6.29 13.58
N ARG B 150 17.03 -7.11 13.39
CA ARG B 150 18.38 -6.69 13.73
C ARG B 150 18.77 -5.44 12.95
N CYS B 151 18.56 -5.46 11.63
CA CYS B 151 18.93 -4.32 10.80
C CYS B 151 18.09 -3.11 11.13
N CYS B 152 16.77 -3.29 11.32
CA CYS B 152 15.90 -2.16 11.61
C CYS B 152 16.25 -1.49 12.93
N LYS B 153 16.76 -2.25 13.89
CA LYS B 153 17.16 -1.65 15.17
C LYS B 153 18.44 -0.85 15.02
N ALA B 154 19.43 -1.41 14.33
CA ALA B 154 20.64 -0.66 14.02
C ALA B 154 20.31 0.60 13.24
N PHE B 155 19.60 0.45 12.12
CA PHE B 155 19.18 1.59 11.31
C PHE B 155 18.54 2.67 12.18
N LEU B 156 17.67 2.28 13.12
CA LEU B 156 17.02 3.25 13.98
C LEU B 156 18.01 3.89 14.94
N GLU B 157 18.84 3.07 15.58
CA GLU B 157 19.89 3.55 16.46
C GLU B 157 20.69 4.68 15.82
N LYS B 158 21.07 4.51 14.55
CA LYS B 158 21.95 5.46 13.85
C LYS B 158 21.12 6.60 13.25
N THR B 159 20.37 7.27 14.13
CA THR B 159 19.53 8.40 13.74
C THR B 159 19.49 9.44 14.86
P PO4 C . 10.16 -10.73 -2.07
O2 PO4 C . 10.26 -12.21 -1.81
O3 PO4 C . 10.95 -10.39 -3.30
O4 PO4 C . 8.72 -10.34 -2.27
#